data_5MIH
#
_entry.id   5MIH
#
_cell.length_a   27.343
_cell.length_b   73.771
_cell.length_c   101.454
_cell.angle_alpha   90.00
_cell.angle_beta   93.36
_cell.angle_gamma   90.00
#
_symmetry.space_group_name_H-M   'P 1 21 1'
#
loop_
_entity.id
_entity.type
_entity.pdbx_description
1 polymer 'PA-I galactophilic lectin'
2 non-polymer 'CALCIUM ION'
3 non-polymer 'phenyl 6,7-anhydro-D-glycero-beta-D-galacto-heptopyranoside'
4 non-polymer 2-{2-[2-2-(METHOXY-ETHOXY)-ETHOXY]-ETHOXY}-ETHANOL
5 water water
#
_entity_poly.entity_id   1
_entity_poly.type   'polypeptide(L)'
_entity_poly.pdbx_seq_one_letter_code
;AWKGEVLANNEAGQVTSIIYNPGDVITIVAAGWASYGPTQKWGPQGDREHPDQGLICHDAFCGALVMKIGNSGTIPVNTG
LFRWVAPNNVQGAITLIYNDVPGTYGNNSGSFSVNIGKDQS
;
_entity_poly.pdbx_strand_id   A,B,C,D
#
loop_
_chem_comp.id
_chem_comp.type
_chem_comp.name
_chem_comp.formula
7NU D-saccharide 'phenyl 6,7-anhydro-D-glycero-beta-D-galacto-heptopyranoside' 'C13 H16 O6'
CA non-polymer 'CALCIUM ION' 'Ca 2'
ETE non-polymer 2-{2-[2-2-(METHOXY-ETHOXY)-ETHOXY]-ETHOXY}-ETHANOL 'C9 H20 O5'
#
# COMPACT_ATOMS: atom_id res chain seq x y z
N ALA A 1 3.80 9.52 6.35
CA ALA A 1 5.12 9.57 5.70
C ALA A 1 5.93 10.81 6.14
N TRP A 2 7.25 10.76 5.90
CA TRP A 2 8.11 11.84 6.31
C TRP A 2 9.08 12.14 5.19
N LYS A 3 9.38 13.43 5.01
CA LYS A 3 10.41 13.85 4.08
C LYS A 3 11.23 14.93 4.69
N GLY A 4 12.56 14.83 4.60
CA GLY A 4 13.39 15.87 5.16
C GLY A 4 14.87 15.68 4.85
N GLU A 5 15.72 16.50 5.42
CA GLU A 5 17.16 16.52 5.12
C GLU A 5 17.96 16.09 6.36
N VAL A 6 19.09 15.44 6.14
CA VAL A 6 19.94 14.93 7.22
C VAL A 6 21.29 15.56 6.93
N LEU A 7 21.75 16.49 7.77
CA LEU A 7 23.06 17.11 7.52
C LEU A 7 24.22 16.21 7.95
N ALA A 8 25.26 16.18 7.16
CA ALA A 8 26.46 15.38 7.45
C ALA A 8 27.17 15.79 8.74
N ASN A 9 27.10 17.09 9.08
CA ASN A 9 27.77 17.62 10.25
C ASN A 9 26.93 17.58 11.52
N ASN A 10 25.75 16.95 11.44
CA ASN A 10 24.84 16.85 12.56
C ASN A 10 25.12 15.56 13.30
N GLU A 11 25.95 15.68 14.37
CA GLU A 11 26.36 14.50 15.11
C GLU A 11 25.21 13.78 15.81
N ALA A 12 24.24 14.55 16.29
CA ALA A 12 23.14 13.99 17.03
C ALA A 12 22.14 13.25 16.11
N GLY A 13 22.14 13.60 14.85
CA GLY A 13 21.17 13.03 13.91
C GLY A 13 19.90 13.88 13.78
N GLN A 14 19.11 13.55 12.78
CA GLN A 14 17.85 14.19 12.50
C GLN A 14 16.69 13.30 12.93
N VAL A 15 15.91 13.75 13.88
CA VAL A 15 14.67 13.09 14.24
C VAL A 15 13.62 13.21 13.14
N THR A 16 12.94 12.09 12.86
CA THR A 16 11.80 12.07 11.94
C THR A 16 10.49 11.98 12.68
N SER A 17 9.40 12.10 11.95
CA SER A 17 8.02 11.90 12.47
C SER A 17 7.57 10.46 12.42
N ILE A 18 8.41 9.55 11.95
CA ILE A 18 8.06 8.12 11.86
C ILE A 18 8.30 7.43 13.18
N ILE A 19 7.25 6.81 13.73
CA ILE A 19 7.38 6.04 14.97
C ILE A 19 7.24 4.63 14.56
N TYR A 20 8.33 3.89 14.58
CA TYR A 20 8.31 2.50 14.16
C TYR A 20 7.64 1.64 15.25
N ASN A 21 6.55 0.96 14.88
CA ASN A 21 5.83 0.09 15.81
C ASN A 21 5.96 -1.39 15.38
N PRO A 22 5.81 -2.32 16.31
CA PRO A 22 5.94 -3.74 15.96
C PRO A 22 5.04 -4.14 14.78
N GLY A 23 5.62 -4.85 13.81
CA GLY A 23 4.93 -5.30 12.61
C GLY A 23 4.94 -4.30 11.45
N ASP A 24 5.35 -3.05 11.70
CA ASP A 24 5.32 -2.07 10.64
C ASP A 24 6.32 -2.50 9.51
N VAL A 25 5.93 -2.22 8.28
CA VAL A 25 6.78 -2.37 7.11
C VAL A 25 7.06 -0.95 6.61
N ILE A 26 8.33 -0.61 6.35
CA ILE A 26 8.68 0.70 5.90
C ILE A 26 9.54 0.65 4.62
N THR A 27 9.43 1.72 3.86
CA THR A 27 10.29 1.98 2.74
C THR A 27 10.99 3.33 2.94
N ILE A 28 12.30 3.37 2.69
CA ILE A 28 13.12 4.55 2.76
C ILE A 28 13.83 4.73 1.40
N VAL A 29 13.90 5.95 0.90
CA VAL A 29 14.74 6.29 -0.25
C VAL A 29 15.56 7.50 0.16
N ALA A 30 16.88 7.41 -0.03
CA ALA A 30 17.79 8.47 0.32
C ALA A 30 18.59 8.92 -0.89
N ALA A 31 18.80 10.22 -1.03
CA ALA A 31 19.59 10.79 -2.10
C ALA A 31 20.47 11.90 -1.61
N GLY A 32 21.44 12.26 -2.41
CA GLY A 32 22.23 13.46 -2.18
C GLY A 32 23.71 13.15 -2.01
N TRP A 33 24.41 14.21 -1.60
CA TRP A 33 25.87 14.25 -1.65
C TRP A 33 26.44 14.86 -0.38
N ALA A 34 27.39 14.14 0.22
CA ALA A 34 27.96 14.56 1.49
C ALA A 34 29.39 14.09 1.65
N SER A 35 30.08 14.73 2.60
CA SER A 35 31.46 14.41 2.92
C SER A 35 31.73 14.37 4.39
N TYR A 36 32.64 13.47 4.74
CA TYR A 36 33.14 13.32 6.10
C TYR A 36 34.40 14.18 6.34
N GLY A 37 34.79 14.99 5.35
CA GLY A 37 35.98 15.83 5.51
C GLY A 37 36.60 16.23 4.18
N PRO A 38 36.87 15.25 3.31
CA PRO A 38 37.52 15.60 2.07
C PRO A 38 36.69 16.52 1.18
N THR A 39 37.34 17.06 0.16
CA THR A 39 36.65 17.95 -0.76
C THR A 39 35.70 17.17 -1.70
N GLN A 40 35.98 15.91 -1.97
CA GLN A 40 35.09 15.02 -2.70
C GLN A 40 33.79 14.86 -1.91
N LYS A 41 32.68 14.54 -2.58
CA LYS A 41 31.49 14.04 -1.87
C LYS A 41 31.08 12.66 -2.35
N TRP A 42 30.34 11.94 -1.48
CA TRP A 42 29.84 10.61 -1.76
C TRP A 42 28.32 10.55 -1.53
N GLY A 43 27.69 9.59 -2.19
CA GLY A 43 26.28 9.32 -2.01
C GLY A 43 25.98 8.57 -0.70
N PRO A 44 24.73 8.18 -0.50
CA PRO A 44 24.29 7.60 0.78
C PRO A 44 24.85 6.19 1.12
N GLN A 45 25.57 5.55 0.21
CA GLN A 45 26.34 4.33 0.54
C GLN A 45 27.72 4.68 1.12
N GLY A 46 28.10 5.98 1.07
CA GLY A 46 29.40 6.41 1.57
C GLY A 46 30.57 6.12 0.66
N ASP A 47 31.75 6.07 1.28
CA ASP A 47 33.02 5.89 0.57
C ASP A 47 33.54 4.49 0.87
N ARG A 48 33.46 3.61 -0.08
CA ARG A 48 33.84 2.23 0.11
C ARG A 48 35.37 2.05 0.26
N GLU A 49 36.17 3.06 -0.01
CA GLU A 49 37.61 2.98 0.11
C GLU A 49 38.19 3.45 1.42
N HIS A 50 37.39 4.07 2.27
CA HIS A 50 37.93 4.69 3.47
C HIS A 50 37.85 3.68 4.63
N PRO A 51 38.97 3.38 5.29
CA PRO A 51 38.91 2.52 6.48
C PRO A 51 37.97 3.00 7.57
N ASP A 52 37.39 2.08 8.29
CA ASP A 52 36.65 2.33 9.54
C ASP A 52 37.60 2.69 10.69
N GLN A 53 37.55 3.92 11.14
CA GLN A 53 38.40 4.38 12.22
C GLN A 53 37.63 4.54 13.56
N GLY A 54 36.53 3.81 13.74
CA GLY A 54 35.62 4.01 14.88
C GLY A 54 34.23 4.59 14.55
N LEU A 55 33.68 4.17 13.40
CA LEU A 55 32.41 4.73 12.95
C LEU A 55 31.27 4.40 13.92
N ILE A 56 30.25 5.26 13.98
CA ILE A 56 29.02 4.98 14.77
C ILE A 56 28.30 3.73 14.27
N CYS A 57 28.52 3.35 13.00
CA CYS A 57 27.96 2.10 12.47
C CYS A 57 29.02 1.32 11.74
N HIS A 58 29.47 0.20 12.32
CA HIS A 58 30.48 -0.64 11.69
C HIS A 58 30.00 -1.46 10.52
N ASP A 59 28.69 -1.53 10.33
CA ASP A 59 28.10 -2.33 9.24
C ASP A 59 27.73 -1.52 8.01
N ALA A 60 28.21 -0.28 7.94
CA ALA A 60 28.12 0.54 6.70
C ALA A 60 29.40 1.34 6.53
N PHE A 61 29.64 1.78 5.31
CA PHE A 61 30.85 2.56 5.02
C PHE A 61 30.82 3.91 5.68
N CYS A 62 32.03 4.47 5.87
CA CYS A 62 32.15 5.84 6.24
C CYS A 62 31.39 6.74 5.27
N GLY A 63 30.58 7.64 5.80
CA GLY A 63 29.78 8.56 4.97
C GLY A 63 28.45 8.00 4.47
N ALA A 64 28.09 6.80 4.91
CA ALA A 64 26.77 6.23 4.59
C ALA A 64 25.69 6.80 5.50
N LEU A 65 24.45 6.71 5.05
CA LEU A 65 23.31 7.03 5.90
C LEU A 65 22.98 5.84 6.79
N VAL A 66 22.77 6.07 8.09
CA VAL A 66 22.34 5.06 9.00
C VAL A 66 21.21 5.60 9.85
N MET A 67 20.63 4.76 10.68
CA MET A 67 19.54 5.16 11.56
C MET A 67 19.57 4.50 12.90
N LYS A 68 18.83 5.10 13.82
CA LYS A 68 18.45 4.44 15.09
C LYS A 68 16.95 4.44 15.18
N ILE A 69 16.38 3.36 15.71
CA ILE A 69 14.92 3.30 15.94
C ILE A 69 14.77 3.28 17.46
N GLY A 70 14.22 4.33 18.01
CA GLY A 70 14.14 4.50 19.48
C GLY A 70 15.55 4.51 20.03
N ASN A 71 15.80 3.67 21.01
CA ASN A 71 17.13 3.55 21.61
C ASN A 71 17.93 2.38 21.01
N SER A 72 17.64 1.97 19.77
CA SER A 72 18.39 0.91 19.17
C SER A 72 19.85 1.32 18.89
N GLY A 73 20.68 0.32 18.59
CA GLY A 73 21.97 0.60 17.98
C GLY A 73 21.76 1.05 16.55
N THR A 74 22.83 1.52 15.92
CA THR A 74 22.76 1.96 14.54
C THR A 74 22.47 0.83 13.57
N ILE A 75 21.64 1.13 12.59
CA ILE A 75 21.25 0.21 11.57
C ILE A 75 21.53 0.89 10.19
N PRO A 76 22.15 0.20 9.25
CA PRO A 76 22.42 0.82 7.94
C PRO A 76 21.16 1.14 7.15
N VAL A 77 21.17 2.29 6.48
CA VAL A 77 20.11 2.64 5.53
C VAL A 77 20.64 2.71 4.12
N ASN A 78 21.82 3.32 3.95
CA ASN A 78 22.46 3.44 2.62
C ASN A 78 21.47 4.17 1.66
N THR A 79 21.24 3.67 0.46
CA THR A 79 20.33 4.37 -0.47
C THR A 79 18.87 4.15 -0.11
N GLY A 80 18.59 3.27 0.83
CA GLY A 80 17.23 3.05 1.29
C GLY A 80 16.94 1.61 1.58
N LEU A 81 15.69 1.37 1.98
CA LEU A 81 15.22 0.05 2.39
C LEU A 81 13.87 -0.17 1.78
N PHE A 82 13.68 -1.32 1.16
CA PHE A 82 12.45 -1.57 0.40
C PHE A 82 11.58 -2.58 1.13
N ARG A 83 10.42 -2.14 1.56
CA ARG A 83 9.44 -2.97 2.28
C ARG A 83 10.10 -3.78 3.38
N TRP A 84 10.74 -3.04 4.29
CA TRP A 84 11.62 -3.56 5.30
C TRP A 84 10.90 -3.65 6.65
N VAL A 85 11.17 -4.73 7.38
CA VAL A 85 10.72 -4.93 8.78
C VAL A 85 11.89 -4.92 9.77
N ALA A 86 11.74 -4.24 10.88
CA ALA A 86 12.80 -4.11 11.91
C ALA A 86 12.96 -5.38 12.71
N PRO A 87 14.13 -5.56 13.35
CA PRO A 87 14.31 -6.69 14.22
C PRO A 87 13.28 -6.69 15.41
N ASN A 88 13.03 -7.86 15.96
CA ASN A 88 12.30 -7.96 17.21
C ASN A 88 12.91 -7.00 18.25
N ASN A 89 12.04 -6.47 19.10
CA ASN A 89 12.44 -5.64 20.24
C ASN A 89 12.82 -4.18 19.89
N VAL A 90 12.77 -3.79 18.63
CA VAL A 90 13.10 -2.46 18.22
C VAL A 90 11.83 -1.66 18.06
N GLN A 91 11.74 -0.47 18.63
CA GLN A 91 10.52 0.32 18.51
C GLN A 91 10.83 1.77 18.78
N GLY A 92 10.11 2.67 18.16
CA GLY A 92 10.22 4.10 18.50
C GLY A 92 10.58 4.99 17.34
N ALA A 93 10.86 6.27 17.66
CA ALA A 93 11.08 7.25 16.65
C ALA A 93 12.33 6.92 15.83
N ILE A 94 12.26 7.12 14.53
CA ILE A 94 13.42 6.90 13.64
C ILE A 94 14.26 8.18 13.58
N THR A 95 15.54 8.08 13.94
CA THR A 95 16.51 9.15 13.81
C THR A 95 17.51 8.76 12.74
N LEU A 96 17.73 9.64 11.80
CA LEU A 96 18.67 9.43 10.71
C LEU A 96 19.98 10.09 11.02
N ILE A 97 21.09 9.45 10.67
CA ILE A 97 22.43 9.96 11.06
C ILE A 97 23.45 9.64 9.98
N TYR A 98 24.32 10.61 9.70
CA TYR A 98 25.47 10.41 8.83
C TYR A 98 26.53 9.55 9.57
N ASN A 99 27.07 8.56 8.88
CA ASN A 99 28.08 7.66 9.50
C ASN A 99 29.47 8.24 9.54
N ASP A 100 29.91 8.67 10.71
CA ASP A 100 31.29 9.17 10.89
C ASP A 100 31.74 8.76 12.29
N VAL A 101 32.98 9.07 12.64
CA VAL A 101 33.52 8.82 14.00
C VAL A 101 33.09 9.86 14.99
N PRO A 102 32.63 9.44 16.19
CA PRO A 102 32.25 10.41 17.19
C PRO A 102 33.31 11.50 17.41
N GLY A 103 32.85 12.74 17.50
CA GLY A 103 33.75 13.90 17.72
C GLY A 103 34.41 14.44 16.46
N THR A 104 34.16 13.84 15.30
CA THR A 104 34.80 14.25 14.05
C THR A 104 33.82 14.84 13.03
N TYR A 105 32.63 15.23 13.45
CA TYR A 105 31.61 15.71 12.56
C TYR A 105 31.82 17.16 12.12
N GLY A 106 32.67 17.93 12.84
CA GLY A 106 32.76 19.35 12.56
C GLY A 106 33.27 19.74 11.18
N ASN A 107 34.03 18.88 10.50
CA ASN A 107 34.52 19.17 9.15
C ASN A 107 33.65 18.55 8.03
N ASN A 108 32.49 18.03 8.40
CA ASN A 108 31.63 17.37 7.41
C ASN A 108 30.83 18.40 6.62
N SER A 109 30.34 18.01 5.43
CA SER A 109 29.55 18.93 4.63
C SER A 109 28.54 18.17 3.82
N GLY A 110 27.56 18.89 3.32
CA GLY A 110 26.51 18.30 2.51
C GLY A 110 25.44 17.66 3.34
N SER A 111 24.56 16.94 2.66
CA SER A 111 23.38 16.37 3.30
C SER A 111 22.69 15.36 2.40
N PHE A 112 21.84 14.52 3.00
CA PHE A 112 21.02 13.61 2.24
C PHE A 112 19.54 14.01 2.39
N SER A 113 18.82 13.96 1.28
N SER A 113 18.82 13.97 1.28
CA SER A 113 17.36 14.12 1.27
CA SER A 113 17.37 14.14 1.28
C SER A 113 16.72 12.75 1.37
C SER A 113 16.72 12.75 1.37
N VAL A 114 15.81 12.57 2.31
CA VAL A 114 15.27 11.25 2.62
C VAL A 114 13.73 11.28 2.68
N ASN A 115 13.10 10.26 2.12
CA ASN A 115 11.67 9.98 2.25
C ASN A 115 11.52 8.65 3.02
N ILE A 116 10.59 8.59 3.98
CA ILE A 116 10.23 7.38 4.67
C ILE A 116 8.69 7.27 4.67
N GLY A 117 8.20 6.07 4.39
CA GLY A 117 6.78 5.80 4.51
C GLY A 117 6.50 4.45 5.08
N LYS A 118 5.32 4.27 5.65
CA LYS A 118 4.89 2.94 6.08
C LYS A 118 4.11 2.29 4.94
N ASP A 119 4.40 1.02 4.71
CA ASP A 119 3.79 0.22 3.67
C ASP A 119 2.61 -0.58 4.20
N GLN A 120 1.90 -1.22 3.28
CA GLN A 120 0.93 -2.24 3.67
C GLN A 120 1.49 -3.33 4.51
N SER A 121 0.69 -3.76 5.48
CA SER A 121 1.07 -4.88 6.34
C SER A 121 -0.18 -5.53 6.86
N ALA B 1 5.61 -6.65 -8.76
CA ALA B 1 6.95 -6.05 -8.29
C ALA B 1 8.11 -6.71 -9.05
N TRP B 2 9.24 -6.04 -9.10
CA TRP B 2 10.35 -6.51 -9.87
C TRP B 2 11.63 -6.30 -9.11
N LYS B 3 12.52 -7.26 -9.20
CA LYS B 3 13.84 -7.13 -8.59
C LYS B 3 14.87 -7.70 -9.56
N GLY B 4 15.94 -6.97 -9.81
CA GLY B 4 16.96 -7.45 -10.71
C GLY B 4 18.20 -6.58 -10.74
N GLU B 5 19.17 -6.97 -11.57
N GLU B 5 19.20 -6.98 -11.54
CA GLU B 5 20.39 -6.23 -11.77
CA GLU B 5 20.40 -6.23 -11.77
C GLU B 5 20.36 -5.46 -13.11
C GLU B 5 20.36 -5.46 -13.11
N VAL B 6 20.97 -4.27 -13.10
CA VAL B 6 21.07 -3.44 -14.27
C VAL B 6 22.55 -3.32 -14.54
N LEU B 7 23.05 -3.97 -15.60
CA LEU B 7 24.48 -3.96 -15.83
C LEU B 7 24.91 -2.65 -16.51
N ALA B 8 26.05 -2.11 -16.05
CA ALA B 8 26.58 -0.89 -16.57
C ALA B 8 26.96 -0.96 -18.04
N ASN B 9 27.36 -2.15 -18.51
CA ASN B 9 27.77 -2.35 -19.88
C ASN B 9 26.63 -2.71 -20.84
N ASN B 10 25.39 -2.65 -20.35
CA ASN B 10 24.22 -2.98 -21.14
C ASN B 10 23.67 -1.73 -21.78
N GLU B 11 24.07 -1.48 -23.02
CA GLU B 11 23.63 -0.27 -23.71
C GLU B 11 22.14 -0.21 -23.97
N ALA B 12 21.53 -1.37 -24.22
CA ALA B 12 20.12 -1.40 -24.53
C ALA B 12 19.26 -1.17 -23.30
N GLY B 13 19.82 -1.37 -22.12
CA GLY B 13 19.06 -1.29 -20.87
C GLY B 13 18.44 -2.61 -20.47
N GLN B 14 17.98 -2.66 -19.22
CA GLN B 14 17.34 -3.83 -18.64
C GLN B 14 15.85 -3.63 -18.63
N VAL B 15 15.12 -4.43 -19.40
CA VAL B 15 13.69 -4.34 -19.40
C VAL B 15 13.21 -5.01 -18.11
N THR B 16 12.27 -4.37 -17.42
CA THR B 16 11.67 -4.91 -16.19
C THR B 16 10.29 -5.47 -16.55
N SER B 17 9.69 -6.12 -15.57
CA SER B 17 8.29 -6.60 -15.65
C SER B 17 7.25 -5.56 -15.29
N ILE B 18 7.68 -4.34 -14.94
CA ILE B 18 6.73 -3.29 -14.51
C ILE B 18 6.23 -2.55 -15.72
N ILE B 19 4.91 -2.52 -15.91
CA ILE B 19 4.28 -1.76 -16.96
C ILE B 19 3.62 -0.60 -16.29
N TYR B 20 4.18 0.58 -16.48
CA TYR B 20 3.67 1.77 -15.82
C TYR B 20 2.39 2.20 -16.54
N ASN B 21 1.26 2.22 -15.81
CA ASN B 21 -0.04 2.62 -16.35
C ASN B 21 -0.52 3.93 -15.74
N PRO B 22 -1.41 4.63 -16.43
CA PRO B 22 -1.93 5.89 -15.90
C PRO B 22 -2.50 5.74 -14.49
N GLY B 23 -2.09 6.66 -13.61
CA GLY B 23 -2.52 6.63 -12.20
C GLY B 23 -1.62 5.81 -11.27
N ASP B 24 -0.72 5.01 -11.84
CA ASP B 24 0.10 4.16 -10.98
C ASP B 24 1.03 5.05 -10.14
N VAL B 25 1.29 4.60 -8.93
CA VAL B 25 2.28 5.16 -8.04
C VAL B 25 3.35 4.06 -7.89
N ILE B 26 4.62 4.42 -8.04
CA ILE B 26 5.69 3.43 -7.93
C ILE B 26 6.79 3.91 -6.96
N THR B 27 7.46 2.93 -6.38
CA THR B 27 8.67 3.20 -5.62
C THR B 27 9.80 2.35 -6.19
N ILE B 28 10.97 2.97 -6.36
CA ILE B 28 12.19 2.33 -6.79
C ILE B 28 13.28 2.57 -5.74
N VAL B 29 14.04 1.54 -5.40
CA VAL B 29 15.24 1.67 -4.55
C VAL B 29 16.36 0.98 -5.31
N ALA B 30 17.47 1.71 -5.52
CA ALA B 30 18.62 1.19 -6.25
C ALA B 30 19.85 1.21 -5.38
N ALA B 31 20.66 0.13 -5.44
CA ALA B 31 21.92 0.04 -4.73
C ALA B 31 23.02 -0.52 -5.60
N GLY B 32 24.26 -0.43 -5.10
CA GLY B 32 25.40 -1.04 -5.73
C GLY B 32 26.40 -0.11 -6.34
N TRP B 33 27.31 -0.71 -7.10
CA TRP B 33 28.56 -0.02 -7.54
C TRP B 33 28.86 -0.34 -8.98
N ALA B 34 29.10 0.70 -9.78
CA ALA B 34 29.36 0.56 -11.20
C ALA B 34 30.27 1.63 -11.74
N SER B 35 30.84 1.34 -12.92
CA SER B 35 31.75 2.29 -13.57
C SER B 35 31.47 2.43 -15.04
N TYR B 36 31.72 3.65 -15.54
CA TYR B 36 31.63 3.97 -16.95
C TYR B 36 33.00 3.80 -17.65
N GLY B 37 33.99 3.27 -16.96
CA GLY B 37 35.33 3.10 -17.57
C GLY B 37 36.43 3.06 -16.54
N PRO B 38 36.51 4.07 -15.67
CA PRO B 38 37.59 4.09 -14.74
C PRO B 38 37.58 2.92 -13.76
N THR B 39 38.67 2.77 -13.03
CA THR B 39 38.78 1.68 -12.06
C THR B 39 37.89 1.93 -10.84
N GLN B 40 37.69 3.20 -10.47
CA GLN B 40 36.80 3.60 -9.40
C GLN B 40 35.37 3.16 -9.80
N LYS B 41 34.53 2.91 -8.80
CA LYS B 41 33.14 2.72 -9.03
C LYS B 41 32.33 3.77 -8.24
N TRP B 42 31.13 4.05 -8.77
CA TRP B 42 30.21 4.99 -8.15
C TRP B 42 28.85 4.34 -7.90
N GLY B 43 28.10 4.94 -6.99
CA GLY B 43 26.77 4.47 -6.64
C GLY B 43 25.76 4.97 -7.72
N PRO B 44 24.48 4.70 -7.49
CA PRO B 44 23.43 4.98 -8.51
C PRO B 44 23.18 6.45 -8.87
N GLN B 45 23.78 7.40 -8.15
CA GLN B 45 23.79 8.82 -8.59
C GLN B 45 24.93 9.15 -9.53
N GLY B 46 25.83 8.19 -9.74
CA GLY B 46 26.97 8.38 -10.64
C GLY B 46 28.12 9.23 -10.10
N ASP B 47 28.87 9.83 -11.01
CA ASP B 47 30.06 10.61 -10.70
C ASP B 47 29.78 12.08 -10.92
N ARG B 48 29.64 12.81 -9.84
CA ARG B 48 29.31 14.23 -9.95
C ARG B 48 30.42 15.09 -10.52
N GLU B 49 31.62 14.57 -10.69
CA GLU B 49 32.76 15.33 -11.22
C GLU B 49 32.95 15.18 -12.71
N HIS B 50 32.27 14.27 -13.36
CA HIS B 50 32.58 13.98 -14.75
C HIS B 50 31.69 14.79 -15.69
N PRO B 51 32.27 15.62 -16.56
CA PRO B 51 31.38 16.41 -17.45
C PRO B 51 30.57 15.53 -18.40
N ASP B 52 29.41 16.05 -18.79
CA ASP B 52 28.53 15.40 -19.77
C ASP B 52 29.06 15.59 -21.18
N GLN B 53 29.49 14.51 -21.80
CA GLN B 53 30.02 14.58 -23.18
C GLN B 53 29.08 13.91 -24.17
N GLY B 54 27.76 14.01 -23.91
CA GLY B 54 26.75 13.37 -24.73
C GLY B 54 26.00 12.18 -24.08
N LEU B 55 25.70 12.33 -22.79
CA LEU B 55 25.02 11.26 -22.07
C LEU B 55 23.62 11.02 -22.60
N ILE B 56 23.13 9.79 -22.47
CA ILE B 56 21.73 9.47 -22.82
C ILE B 56 20.74 10.26 -21.95
N CYS B 57 21.16 10.70 -20.77
CA CYS B 57 20.30 11.52 -19.93
C CYS B 57 21.06 12.73 -19.40
N HIS B 58 20.69 13.94 -19.87
CA HIS B 58 21.37 15.15 -19.41
C HIS B 58 20.94 15.63 -18.05
N ASP B 59 19.89 15.05 -17.47
CA ASP B 59 19.35 15.41 -16.19
C ASP B 59 19.92 14.59 -15.02
N ALA B 60 20.92 13.76 -15.30
CA ALA B 60 21.63 13.01 -14.23
C ALA B 60 23.10 12.89 -14.59
N PHE B 61 23.93 12.62 -13.60
CA PHE B 61 25.36 12.50 -13.81
C PHE B 61 25.70 11.25 -14.59
N CYS B 62 26.88 11.31 -15.21
CA CYS B 62 27.49 10.14 -15.79
C CYS B 62 27.55 8.99 -14.77
N GLY B 63 27.08 7.82 -15.17
CA GLY B 63 27.08 6.65 -14.28
C GLY B 63 25.89 6.54 -13.34
N ALA B 64 24.90 7.46 -13.47
CA ALA B 64 23.66 7.36 -12.73
C ALA B 64 22.73 6.34 -13.36
N LEU B 65 21.81 5.83 -12.55
CA LEU B 65 20.71 5.02 -13.04
C LEU B 65 19.61 5.91 -13.61
N VAL B 66 19.14 5.61 -14.80
CA VAL B 66 18.00 6.32 -15.39
C VAL B 66 17.02 5.32 -15.93
N MET B 67 15.92 5.79 -16.42
CA MET B 67 14.89 4.90 -17.01
C MET B 67 14.18 5.52 -18.19
N LYS B 68 13.53 4.65 -18.94
CA LYS B 68 12.53 5.08 -19.92
C LYS B 68 11.24 4.36 -19.60
N ILE B 69 10.13 5.03 -19.79
CA ILE B 69 8.83 4.42 -19.66
C ILE B 69 8.25 4.31 -21.05
N GLY B 70 8.09 3.08 -21.55
CA GLY B 70 7.69 2.89 -22.94
C GLY B 70 8.80 3.50 -23.80
N ASN B 71 8.44 4.36 -24.75
CA ASN B 71 9.42 5.05 -25.57
C ASN B 71 9.62 6.48 -25.11
N SER B 72 9.47 6.77 -23.81
CA SER B 72 9.74 8.11 -23.30
C SER B 72 11.22 8.48 -23.45
N GLY B 73 11.50 9.76 -23.25
CA GLY B 73 12.88 10.19 -23.07
C GLY B 73 13.36 9.66 -21.71
N THR B 74 14.66 9.71 -21.49
CA THR B 74 15.24 9.25 -20.24
C THR B 74 14.79 10.12 -19.06
N ILE B 75 14.51 9.44 -17.94
CA ILE B 75 14.09 10.07 -16.73
C ILE B 75 15.10 9.61 -15.65
N PRO B 76 15.63 10.56 -14.82
CA PRO B 76 16.52 10.12 -13.78
C PRO B 76 15.89 9.23 -12.72
N VAL B 77 16.63 8.22 -12.27
CA VAL B 77 16.20 7.39 -11.15
C VAL B 77 17.16 7.58 -9.99
N ASN B 78 18.47 7.63 -10.25
CA ASN B 78 19.49 7.82 -9.20
C ASN B 78 19.28 6.72 -8.12
N THR B 79 19.23 7.09 -6.83
CA THR B 79 19.04 6.07 -5.80
C THR B 79 17.63 5.53 -5.70
N GLY B 80 16.71 6.14 -6.38
CA GLY B 80 15.33 5.71 -6.41
C GLY B 80 14.32 6.82 -6.42
N LEU B 81 13.04 6.41 -6.43
CA LEU B 81 11.93 7.33 -6.50
C LEU B 81 10.90 6.86 -5.49
N PHE B 82 10.34 7.80 -4.73
CA PHE B 82 9.48 7.43 -3.61
C PHE B 82 8.06 7.83 -3.94
N ARG B 83 7.19 6.84 -4.02
CA ARG B 83 5.74 7.09 -4.29
C ARG B 83 5.54 8.07 -5.43
N TRP B 84 6.15 7.71 -6.56
CA TRP B 84 6.30 8.57 -7.71
C TRP B 84 5.21 8.29 -8.74
N VAL B 85 4.67 9.38 -9.28
CA VAL B 85 3.71 9.40 -10.37
C VAL B 85 4.35 10.05 -11.60
N ALA B 86 4.16 9.43 -12.76
CA ALA B 86 4.76 9.87 -14.02
C ALA B 86 4.04 11.10 -14.58
N PRO B 87 4.70 11.81 -15.51
CA PRO B 87 3.97 12.88 -16.24
C PRO B 87 2.80 12.34 -17.06
N ASN B 88 1.82 13.19 -17.32
CA ASN B 88 0.69 12.77 -18.17
C ASN B 88 1.21 12.21 -19.50
N ASN B 89 0.49 11.21 -19.98
CA ASN B 89 0.76 10.50 -21.22
C ASN B 89 2.06 9.66 -21.29
N VAL B 90 2.68 9.42 -20.13
CA VAL B 90 3.89 8.56 -20.12
C VAL B 90 3.43 7.20 -19.62
N GLN B 91 3.66 6.14 -20.39
CA GLN B 91 3.12 4.87 -20.04
C GLN B 91 3.89 3.78 -20.77
N GLY B 92 3.98 2.62 -20.14
CA GLY B 92 4.58 1.46 -20.79
C GLY B 92 5.60 0.80 -19.93
N ALA B 93 6.33 -0.17 -20.50
CA ALA B 93 7.29 -0.94 -19.74
C ALA B 93 8.41 -0.05 -19.25
N ILE B 94 8.86 -0.28 -18.03
CA ILE B 94 10.04 0.44 -17.49
C ILE B 94 11.28 -0.31 -17.91
N THR B 95 12.18 0.41 -18.61
CA THR B 95 13.52 -0.05 -18.90
C THR B 95 14.47 0.78 -18.09
N LEU B 96 15.35 0.13 -17.37
CA LEU B 96 16.36 0.78 -16.55
C LEU B 96 17.67 0.80 -17.35
N ILE B 97 18.40 1.90 -17.29
CA ILE B 97 19.61 2.08 -18.11
C ILE B 97 20.68 2.81 -17.34
N TYR B 98 21.92 2.35 -17.47
CA TYR B 98 23.09 3.03 -16.98
C TYR B 98 23.34 4.27 -17.83
N ASN B 99 23.61 5.40 -17.20
CA ASN B 99 23.80 6.67 -17.98
C ASN B 99 25.22 6.80 -18.51
N ASP B 100 25.39 6.63 -19.79
CA ASP B 100 26.73 6.81 -20.43
C ASP B 100 26.50 7.39 -21.82
N VAL B 101 27.59 7.68 -22.51
CA VAL B 101 27.52 8.12 -23.93
C VAL B 101 27.30 6.97 -24.88
N PRO B 102 26.37 7.13 -25.84
CA PRO B 102 26.13 6.04 -26.78
C PRO B 102 27.40 5.56 -27.45
N GLY B 103 27.53 4.26 -27.57
CA GLY B 103 28.70 3.63 -28.19
C GLY B 103 29.90 3.47 -27.28
N THR B 104 29.79 3.88 -26.00
CA THR B 104 30.90 3.80 -25.07
C THR B 104 30.66 2.86 -23.91
N TYR B 105 29.71 1.95 -24.03
CA TYR B 105 29.35 1.05 -22.93
C TYR B 105 30.31 -0.11 -22.78
N GLY B 106 31.13 -0.41 -23.80
CA GLY B 106 31.94 -1.63 -23.76
C GLY B 106 32.98 -1.73 -22.67
N ASN B 107 33.44 -0.59 -22.14
CA ASN B 107 34.44 -0.60 -21.05
C ASN B 107 33.80 -0.41 -19.65
N ASN B 108 32.48 -0.50 -19.58
CA ASN B 108 31.78 -0.30 -18.30
C ASN B 108 31.86 -1.57 -17.46
N SER B 109 31.64 -1.45 -16.15
CA SER B 109 31.65 -2.64 -15.29
C SER B 109 30.72 -2.44 -14.13
N GLY B 110 30.38 -3.55 -13.51
CA GLY B 110 29.52 -3.52 -12.32
C GLY B 110 28.06 -3.40 -12.68
N SER B 111 27.25 -3.17 -11.67
CA SER B 111 25.80 -3.20 -11.84
C SER B 111 25.11 -2.57 -10.65
N PHE B 112 23.84 -2.24 -10.80
CA PHE B 112 23.03 -1.82 -9.69
C PHE B 112 21.95 -2.84 -9.45
N SER B 113 21.69 -3.15 -8.17
N SER B 113 21.69 -3.14 -8.17
N SER B 113 21.69 -3.14 -8.17
CA SER B 113 20.54 -3.97 -7.78
CA SER B 113 20.55 -3.98 -7.77
CA SER B 113 20.55 -3.98 -7.78
C SER B 113 19.36 -3.08 -7.51
C SER B 113 19.35 -3.07 -7.51
C SER B 113 19.36 -3.08 -7.51
N VAL B 114 18.23 -3.37 -8.14
CA VAL B 114 17.06 -2.47 -8.11
C VAL B 114 15.80 -3.28 -7.73
N ASN B 115 14.98 -2.69 -6.88
CA ASN B 115 13.66 -3.13 -6.59
C ASN B 115 12.67 -2.07 -7.09
N ILE B 116 11.59 -2.51 -7.73
CA ILE B 116 10.51 -1.63 -8.14
C ILE B 116 9.21 -2.29 -7.65
N GLY B 117 8.37 -1.48 -7.02
CA GLY B 117 7.02 -1.93 -6.69
C GLY B 117 5.98 -0.91 -7.02
N LYS B 118 4.74 -1.36 -7.19
CA LYS B 118 3.62 -0.41 -7.30
C LYS B 118 3.06 -0.20 -5.89
N ASP B 119 2.75 1.05 -5.60
CA ASP B 119 2.19 1.47 -4.33
C ASP B 119 0.67 1.54 -4.41
N GLN B 120 0.04 1.76 -3.26
CA GLN B 120 -1.42 2.01 -3.28
C GLN B 120 -1.72 3.31 -4.04
N SER B 121 -2.84 3.25 -4.74
CA SER B 121 -3.37 4.37 -5.46
C SER B 121 -4.88 4.26 -5.62
N ALA C 1 -7.80 5.77 -6.98
CA ALA C 1 -8.97 5.30 -6.21
C ALA C 1 -10.30 5.95 -6.65
N TRP C 2 -11.40 5.26 -6.38
CA TRP C 2 -12.69 5.75 -6.81
C TRP C 2 -13.70 5.56 -5.67
N LYS C 3 -14.61 6.53 -5.55
CA LYS C 3 -15.71 6.38 -4.59
C LYS C 3 -16.98 6.89 -5.25
N GLY C 4 -18.05 6.13 -5.14
CA GLY C 4 -19.31 6.56 -5.73
C GLY C 4 -20.46 5.65 -5.40
N GLU C 5 -21.62 5.94 -5.95
CA GLU C 5 -22.87 5.20 -5.64
C GLU C 5 -23.28 4.37 -6.83
N VAL C 6 -23.84 3.20 -6.60
CA VAL C 6 -24.35 2.32 -7.64
C VAL C 6 -25.85 2.23 -7.33
N LEU C 7 -26.69 2.82 -8.18
CA LEU C 7 -28.13 2.73 -7.93
C LEU C 7 -28.70 1.34 -8.33
N ALA C 8 -29.60 0.83 -7.53
CA ALA C 8 -30.22 -0.48 -7.79
C ALA C 8 -31.04 -0.48 -9.07
N ASN C 9 -31.62 0.68 -9.45
CA ASN C 9 -32.41 0.77 -10.67
C ASN C 9 -31.62 1.08 -11.94
N ASN C 10 -30.30 1.07 -11.84
CA ASN C 10 -29.44 1.46 -12.95
C ASN C 10 -29.02 0.21 -13.70
N GLU C 11 -29.79 -0.10 -14.74
CA GLU C 11 -29.55 -1.35 -15.46
C GLU C 11 -28.18 -1.35 -16.22
N ALA C 12 -27.77 -0.20 -16.67
CA ALA C 12 -26.54 -0.05 -17.42
C ALA C 12 -25.31 -0.17 -16.54
N GLY C 13 -25.47 0.03 -15.25
CA GLY C 13 -24.36 -0.02 -14.31
C GLY C 13 -23.70 1.34 -14.13
N GLN C 14 -22.86 1.43 -13.10
CA GLN C 14 -22.12 2.65 -12.82
C GLN C 14 -20.66 2.44 -13.24
N VAL C 15 -20.21 3.19 -14.23
CA VAL C 15 -18.83 3.12 -14.65
C VAL C 15 -17.98 3.84 -13.57
N THR C 16 -16.85 3.23 -13.25
CA THR C 16 -15.87 3.83 -12.35
C THR C 16 -14.69 4.40 -13.13
N SER C 17 -13.83 5.08 -12.40
CA SER C 17 -12.53 5.58 -12.92
C SER C 17 -11.40 4.56 -12.87
N ILE C 18 -11.68 3.37 -12.37
CA ILE C 18 -10.65 2.34 -12.20
C ILE C 18 -10.51 1.57 -13.48
N ILE C 19 -9.30 1.54 -14.04
CA ILE C 19 -8.99 0.75 -15.21
C ILE C 19 -8.13 -0.36 -14.67
N TYR C 20 -8.70 -1.56 -14.66
CA TYR C 20 -7.98 -2.70 -14.15
C TYR C 20 -6.95 -3.13 -15.18
N ASN C 21 -5.66 -3.13 -14.79
CA ASN C 21 -4.59 -3.53 -15.66
C ASN C 21 -3.93 -4.83 -15.19
N PRO C 22 -3.27 -5.55 -16.10
CA PRO C 22 -2.62 -6.79 -15.70
C PRO C 22 -1.69 -6.65 -14.50
N GLY C 23 -1.85 -7.54 -13.52
CA GLY C 23 -1.04 -7.50 -12.30
C GLY C 23 -1.63 -6.68 -11.17
N ASP C 24 -2.62 -5.83 -11.46
CA ASP C 24 -3.12 -4.94 -10.43
C ASP C 24 -3.76 -5.80 -9.30
N VAL C 25 -3.59 -5.31 -8.08
CA VAL C 25 -4.28 -5.83 -6.90
C VAL C 25 -5.27 -4.75 -6.47
N ILE C 26 -6.54 -5.11 -6.24
CA ILE C 26 -7.51 -4.13 -5.83
C ILE C 26 -8.25 -4.55 -4.57
N THR C 27 -8.73 -3.53 -3.85
CA THR C 27 -9.64 -3.74 -2.76
C THR C 27 -10.90 -2.94 -3.03
N ILE C 28 -12.05 -3.60 -2.81
CA ILE C 28 -13.37 -2.97 -2.90
C ILE C 28 -14.08 -3.14 -1.55
N VAL C 29 -14.71 -2.08 -1.06
CA VAL C 29 -15.64 -2.18 0.08
C VAL C 29 -16.96 -1.54 -0.38
N ALA C 30 -18.05 -2.29 -0.23
CA ALA C 30 -19.39 -1.84 -0.59
C ALA C 30 -20.31 -1.82 0.65
N ALA C 31 -21.13 -0.78 0.76
CA ALA C 31 -22.10 -0.64 1.84
C ALA C 31 -23.43 -0.12 1.33
N GLY C 32 -24.45 -0.28 2.14
CA GLY C 32 -25.74 0.29 1.87
C GLY C 32 -26.84 -0.72 1.75
N TRP C 33 -28.00 -0.19 1.33
CA TRP C 33 -29.27 -0.92 1.36
C TRP C 33 -30.03 -0.67 0.06
N ALA C 34 -30.48 -1.78 -0.54
CA ALA C 34 -31.20 -1.71 -1.79
C ALA C 34 -32.21 -2.83 -1.95
N SER C 35 -33.11 -2.63 -2.89
CA SER C 35 -34.14 -3.62 -3.19
C SER C 35 -34.32 -3.82 -4.68
N TYR C 36 -34.65 -5.07 -5.02
CA TYR C 36 -35.00 -5.46 -6.36
C TYR C 36 -36.52 -5.36 -6.62
N GLY C 37 -37.28 -4.81 -5.67
CA GLY C 37 -38.74 -4.64 -5.82
C GLY C 37 -39.49 -4.64 -4.51
N PRO C 38 -39.23 -5.62 -3.65
CA PRO C 38 -39.98 -5.64 -2.41
C PRO C 38 -39.72 -4.49 -1.48
N THR C 39 -40.56 -4.40 -0.44
CA THR C 39 -40.42 -3.30 0.50
C THR C 39 -39.23 -3.50 1.43
N GLN C 40 -38.81 -4.73 1.67
CA GLN C 40 -37.57 -4.99 2.43
C GLN C 40 -36.39 -4.41 1.61
N LYS C 41 -35.29 -4.12 2.30
CA LYS C 41 -33.98 -3.92 1.58
C LYS C 41 -32.95 -4.94 2.06
N TRP C 42 -31.95 -5.15 1.19
CA TRP C 42 -30.84 -6.06 1.49
C TRP C 42 -29.52 -5.34 1.29
N GLY C 43 -28.50 -5.81 2.00
CA GLY C 43 -27.13 -5.34 1.82
C GLY C 43 -26.49 -5.85 0.52
N PRO C 44 -25.20 -5.56 0.33
CA PRO C 44 -24.50 -5.89 -0.92
C PRO C 44 -24.32 -7.39 -1.25
N GLN C 45 -24.63 -8.28 -0.31
CA GLN C 45 -24.68 -9.72 -0.61
C GLN C 45 -26.04 -10.14 -1.18
N GLY C 46 -27.01 -9.23 -1.15
CA GLY C 46 -28.35 -9.52 -1.66
C GLY C 46 -29.21 -10.41 -0.74
N ASP C 47 -30.17 -11.09 -1.36
CA ASP C 47 -31.18 -11.86 -0.66
C ASP C 47 -30.90 -13.32 -0.91
N ARG C 48 -30.37 -14.03 0.07
CA ARG C 48 -29.96 -15.39 -0.09
C ARG C 48 -31.13 -16.36 -0.27
N GLU C 49 -32.36 -15.93 -0.03
CA GLU C 49 -33.52 -16.78 -0.12
C GLU C 49 -34.23 -16.69 -1.44
N HIS C 50 -33.92 -15.73 -2.30
CA HIS C 50 -34.70 -15.56 -3.53
C HIS C 50 -34.05 -16.33 -4.67
N PRO C 51 -34.77 -17.28 -5.27
CA PRO C 51 -34.09 -18.05 -6.36
C PRO C 51 -33.82 -17.19 -7.57
N ASP C 52 -32.80 -17.61 -8.31
CA ASP C 52 -32.40 -16.98 -9.56
C ASP C 52 -33.37 -17.15 -10.71
N GLN C 53 -33.98 -16.05 -11.12
CA GLN C 53 -34.97 -16.06 -12.21
C GLN C 53 -34.43 -15.56 -13.56
N GLY C 54 -33.11 -15.64 -13.76
CA GLY C 54 -32.45 -15.01 -14.91
C GLY C 54 -31.56 -13.79 -14.58
N LEU C 55 -30.88 -13.86 -13.43
CA LEU C 55 -30.05 -12.74 -12.99
C LEU C 55 -28.89 -12.50 -13.96
N ILE C 56 -28.44 -11.23 -14.02
CA ILE C 56 -27.21 -10.91 -14.83
C ILE C 56 -25.98 -11.59 -14.30
N CYS C 57 -25.98 -12.00 -13.02
CA CYS C 57 -24.87 -12.82 -12.47
C CYS C 57 -25.38 -14.00 -11.73
N HIS C 58 -25.17 -15.19 -12.32
CA HIS C 58 -25.62 -16.44 -11.69
C HIS C 58 -24.78 -16.89 -10.55
N ASP C 59 -23.62 -16.28 -10.31
CA ASP C 59 -22.72 -16.63 -9.22
C ASP C 59 -22.92 -15.79 -7.94
N ALA C 60 -23.97 -14.98 -7.89
CA ALA C 60 -24.29 -14.15 -6.72
C ALA C 60 -25.79 -14.08 -6.53
N PHE C 61 -26.21 -13.75 -5.33
CA PHE C 61 -27.64 -13.69 -5.03
C PHE C 61 -28.29 -12.50 -5.72
N CYS C 62 -29.60 -12.61 -5.89
CA CYS C 62 -30.41 -11.50 -6.29
C CYS C 62 -30.20 -10.31 -5.36
N GLY C 63 -29.96 -9.14 -5.92
CA GLY C 63 -29.72 -7.93 -5.14
C GLY C 63 -28.30 -7.76 -4.63
N ALA C 64 -27.38 -8.62 -5.04
CA ALA C 64 -25.97 -8.46 -4.72
C ALA C 64 -25.30 -7.45 -5.64
N LEU C 65 -24.20 -6.90 -5.18
CA LEU C 65 -23.33 -6.08 -6.03
C LEU C 65 -22.42 -6.98 -6.87
N VAL C 66 -22.36 -6.74 -8.18
CA VAL C 66 -21.46 -7.42 -9.03
C VAL C 66 -20.71 -6.42 -9.89
N MET C 67 -19.79 -6.91 -10.69
CA MET C 67 -19.03 -6.02 -11.57
C MET C 67 -18.67 -6.67 -12.90
N LYS C 68 -18.29 -5.82 -13.83
CA LYS C 68 -17.62 -6.27 -15.06
C LYS C 68 -16.30 -5.54 -15.17
N ILE C 69 -15.28 -6.22 -15.67
CA ILE C 69 -13.99 -5.58 -15.94
C ILE C 69 -13.84 -5.59 -17.46
N GLY C 70 -13.88 -4.43 -18.08
CA GLY C 70 -13.82 -4.36 -19.54
C GLY C 70 -15.13 -4.94 -20.01
N ASN C 71 -15.03 -5.82 -20.98
CA ASN C 71 -16.22 -6.53 -21.49
C ASN C 71 -16.26 -7.95 -20.93
N SER C 72 -15.79 -8.15 -19.71
CA SER C 72 -15.86 -9.49 -19.09
C SER C 72 -17.34 -9.86 -18.80
N GLY C 73 -17.53 -11.11 -18.45
CA GLY C 73 -18.79 -11.51 -17.79
C GLY C 73 -18.86 -10.90 -16.39
N THR C 74 -20.03 -10.99 -15.78
CA THR C 74 -20.21 -10.48 -14.42
C THR C 74 -19.41 -11.31 -13.41
N ILE C 75 -18.83 -10.60 -12.46
CA ILE C 75 -18.03 -11.17 -11.40
C ILE C 75 -18.66 -10.66 -10.05
N PRO C 76 -18.88 -11.57 -9.09
CA PRO C 76 -19.45 -11.09 -7.82
C PRO C 76 -18.51 -10.19 -7.02
N VAL C 77 -19.08 -9.15 -6.42
CA VAL C 77 -18.35 -8.29 -5.49
C VAL C 77 -18.89 -8.46 -4.08
N ASN C 78 -20.24 -8.50 -3.94
CA ASN C 78 -20.86 -8.67 -2.61
C ASN C 78 -20.39 -7.50 -1.71
N THR C 79 -19.96 -7.75 -0.47
CA THR C 79 -19.53 -6.65 0.40
C THR C 79 -18.16 -6.11 0.02
N GLY C 80 -17.45 -6.81 -0.85
CA GLY C 80 -16.14 -6.33 -1.29
C GLY C 80 -15.15 -7.46 -1.52
N LEU C 81 -13.97 -7.03 -1.97
CA LEU C 81 -12.91 -7.94 -2.32
C LEU C 81 -11.63 -7.40 -1.69
N PHE C 82 -10.86 -8.28 -1.06
CA PHE C 82 -9.73 -7.83 -0.28
C PHE C 82 -8.44 -8.28 -0.97
N ARG C 83 -7.66 -7.31 -1.43
CA ARG C 83 -6.36 -7.55 -2.11
C ARG C 83 -6.52 -8.63 -3.18
N TRP C 84 -7.44 -8.34 -4.10
CA TRP C 84 -7.91 -9.27 -5.10
C TRP C 84 -7.19 -9.03 -6.44
N VAL C 85 -6.86 -10.15 -7.11
CA VAL C 85 -6.29 -10.13 -8.47
C VAL C 85 -7.25 -10.82 -9.44
N ALA C 86 -7.42 -10.22 -10.61
CA ALA C 86 -8.37 -10.73 -11.63
C ALA C 86 -7.80 -11.97 -12.33
N PRO C 87 -8.67 -12.75 -12.97
CA PRO C 87 -8.19 -13.88 -13.80
C PRO C 87 -7.32 -13.40 -14.94
N ASN C 88 -6.45 -14.28 -15.45
CA ASN C 88 -5.67 -13.95 -16.64
C ASN C 88 -6.53 -13.40 -17.74
N ASN C 89 -5.97 -12.43 -18.45
CA ASN C 89 -6.61 -11.84 -19.64
C ASN C 89 -7.79 -10.88 -19.36
N VAL C 90 -8.17 -10.65 -18.10
CA VAL C 90 -9.29 -9.76 -17.81
C VAL C 90 -8.73 -8.36 -17.52
N GLN C 91 -9.20 -7.35 -18.23
CA GLN C 91 -8.67 -6.06 -18.07
C GLN C 91 -9.64 -5.04 -18.60
N GLY C 92 -9.48 -3.80 -18.14
CA GLY C 92 -10.31 -2.69 -18.60
C GLY C 92 -11.09 -1.99 -17.50
N ALA C 93 -11.98 -1.08 -17.88
CA ALA C 93 -12.69 -0.27 -16.93
C ALA C 93 -13.60 -1.14 -16.06
N ILE C 94 -13.66 -0.83 -14.77
CA ILE C 94 -14.57 -1.54 -13.84
C ILE C 94 -15.92 -0.86 -13.83
N THR C 95 -16.97 -1.63 -14.16
CA THR C 95 -18.35 -1.13 -14.05
C THR C 95 -19.04 -1.94 -12.96
N LEU C 96 -19.69 -1.23 -12.07
CA LEU C 96 -20.42 -1.89 -10.96
C LEU C 96 -21.92 -1.98 -11.30
N ILE C 97 -22.54 -3.09 -10.98
CA ILE C 97 -23.98 -3.28 -11.30
C ILE C 97 -24.71 -4.05 -10.19
N TYR C 98 -25.94 -3.62 -9.92
CA TYR C 98 -26.88 -4.31 -9.09
C TYR C 98 -27.35 -5.60 -9.78
N ASN C 99 -27.36 -6.72 -9.07
CA ASN C 99 -27.77 -7.99 -9.63
C ASN C 99 -29.28 -8.17 -9.69
N ASP C 100 -29.88 -8.06 -10.86
CA ASP C 100 -31.32 -8.30 -11.03
C ASP C 100 -31.52 -8.93 -12.41
N VAL C 101 -32.76 -9.27 -12.74
CA VAL C 101 -33.09 -9.80 -14.08
C VAL C 101 -33.23 -8.70 -15.11
N PRO C 102 -32.63 -8.89 -16.30
CA PRO C 102 -32.74 -7.85 -17.32
C PRO C 102 -34.19 -7.45 -17.59
N GLY C 103 -34.41 -6.15 -17.74
CA GLY C 103 -35.75 -5.64 -18.00
C GLY C 103 -36.63 -5.44 -16.77
N THR C 104 -36.10 -5.76 -15.57
CA THR C 104 -36.88 -5.68 -14.35
C THR C 104 -36.29 -4.68 -13.35
N TYR C 105 -35.47 -3.76 -13.81
CA TYR C 105 -34.81 -2.81 -12.89
C TYR C 105 -35.70 -1.65 -12.50
N GLY C 106 -36.81 -1.41 -13.24
CA GLY C 106 -37.56 -0.15 -12.99
C GLY C 106 -38.21 -0.05 -11.63
N ASN C 107 -38.47 -1.19 -10.95
CA ASN C 107 -39.06 -1.12 -9.60
C ASN C 107 -38.02 -1.20 -8.46
N ASN C 108 -36.74 -1.09 -8.82
CA ASN C 108 -35.67 -1.21 -7.80
C ASN C 108 -35.49 0.08 -7.05
N SER C 109 -34.92 0.04 -5.85
CA SER C 109 -34.71 1.25 -5.09
C SER C 109 -33.47 1.09 -4.23
N GLY C 110 -32.98 2.21 -3.76
CA GLY C 110 -31.79 2.24 -2.92
C GLY C 110 -30.52 2.19 -3.76
N SER C 111 -29.41 2.00 -3.06
CA SER C 111 -28.09 2.07 -3.73
C SER C 111 -27.02 1.55 -2.78
N PHE C 112 -25.86 1.23 -3.35
CA PHE C 112 -24.70 0.90 -2.58
C PHE C 112 -23.64 1.97 -2.77
N SER C 113 -22.97 2.35 -1.68
N SER C 113 -22.98 2.35 -1.68
CA SER C 113 -21.81 3.23 -1.70
CA SER C 113 -21.83 3.22 -1.69
C SER C 113 -20.58 2.35 -1.75
C SER C 113 -20.58 2.35 -1.75
N VAL C 114 -19.69 2.62 -2.72
CA VAL C 114 -18.56 1.73 -2.97
C VAL C 114 -17.26 2.53 -3.08
N ASN C 115 -16.21 1.99 -2.50
CA ASN C 115 -14.84 2.48 -2.64
C ASN C 115 -14.04 1.40 -3.34
N ILE C 116 -13.19 1.80 -4.30
CA ILE C 116 -12.25 0.88 -4.93
C ILE C 116 -10.88 1.57 -4.90
N GLY C 117 -9.86 0.81 -4.53
CA GLY C 117 -8.49 1.31 -4.55
C GLY C 117 -7.55 0.25 -5.11
N LYS C 118 -6.42 0.71 -5.65
CA LYS C 118 -5.36 -0.24 -6.03
C LYS C 118 -4.40 -0.41 -4.90
N ASP C 119 -4.00 -1.65 -4.64
CA ASP C 119 -3.09 -1.99 -3.56
C ASP C 119 -1.65 -2.08 -4.04
N GLN C 120 -0.72 -2.29 -3.12
CA GLN C 120 0.65 -2.64 -3.50
C GLN C 120 0.73 -3.87 -4.35
N SER C 121 1.60 -3.86 -5.33
CA SER C 121 1.83 -5.02 -6.17
C SER C 121 3.23 -4.96 -6.79
N ALA D 1 -1.45 -8.06 8.65
CA ALA D 1 -2.88 -8.34 8.25
C ALA D 1 -3.46 -9.50 9.04
N TRP D 2 -4.78 -9.53 9.16
CA TRP D 2 -5.45 -10.53 9.93
C TRP D 2 -6.66 -11.02 9.15
N LYS D 3 -6.92 -12.30 9.25
CA LYS D 3 -8.13 -12.88 8.65
C LYS D 3 -8.68 -13.90 9.62
N GLY D 4 -9.97 -13.83 9.86
CA GLY D 4 -10.60 -14.77 10.78
C GLY D 4 -12.10 -14.67 10.81
N GLU D 5 -12.73 -15.39 11.74
CA GLU D 5 -14.16 -15.45 11.86
C GLU D 5 -14.59 -14.79 13.16
N VAL D 6 -15.75 -14.14 13.16
CA VAL D 6 -16.29 -13.48 14.31
C VAL D 6 -17.62 -14.16 14.56
N LEU D 7 -17.72 -14.94 15.63
N LEU D 7 -17.71 -14.95 15.63
CA LEU D 7 -18.96 -15.68 15.90
CA LEU D 7 -18.96 -15.67 15.92
C LEU D 7 -20.01 -14.75 16.53
C LEU D 7 -20.01 -14.74 16.53
N ALA D 8 -21.25 -14.87 16.07
CA ALA D 8 -22.34 -14.10 16.61
C ALA D 8 -22.63 -14.34 18.03
N ASN D 9 -22.34 -15.53 18.55
CA ASN D 9 -22.58 -15.87 19.94
C ASN D 9 -21.42 -15.53 20.89
N ASN D 10 -20.39 -14.88 20.37
CA ASN D 10 -19.24 -14.54 21.18
C ASN D 10 -19.37 -13.16 21.80
N GLU D 11 -19.86 -13.10 23.02
CA GLU D 11 -20.13 -11.82 23.67
C GLU D 11 -18.89 -10.96 23.90
N ALA D 12 -17.78 -11.60 24.24
CA ALA D 12 -16.58 -10.88 24.53
C ALA D 12 -15.89 -10.38 23.27
N GLY D 13 -16.21 -10.94 22.15
CA GLY D 13 -15.61 -10.51 20.88
C GLY D 13 -14.41 -11.34 20.51
N GLN D 14 -13.99 -11.19 19.25
CA GLN D 14 -12.86 -11.91 18.64
C GLN D 14 -11.70 -10.90 18.62
N VAL D 15 -10.64 -11.23 19.38
CA VAL D 15 -9.54 -10.30 19.50
C VAL D 15 -8.66 -10.59 18.32
N THR D 16 -8.33 -9.64 17.47
CA THR D 16 -7.54 -9.85 16.29
C THR D 16 -6.09 -9.60 16.65
N SER D 17 -5.22 -9.86 15.69
CA SER D 17 -3.79 -9.55 15.82
C SER D 17 -3.41 -8.12 15.44
N ILE D 18 -4.38 -7.31 15.02
CA ILE D 18 -4.11 -5.96 14.59
C ILE D 18 -4.04 -5.01 15.80
N ILE D 19 -2.93 -4.29 15.93
CA ILE D 19 -2.82 -3.26 16.94
C ILE D 19 -2.87 -1.96 16.20
N TYR D 20 -3.94 -1.23 16.40
CA TYR D 20 -4.09 0.07 15.74
C TYR D 20 -3.23 1.09 16.46
N ASN D 21 -2.27 1.68 15.73
CA ASN D 21 -1.38 2.71 16.28
C ASN D 21 -1.69 4.08 15.71
N PRO D 22 -1.34 5.14 16.43
CA PRO D 22 -1.58 6.50 15.89
C PRO D 22 -1.01 6.69 14.50
N GLY D 23 -1.83 7.21 13.59
CA GLY D 23 -1.41 7.44 12.18
C GLY D 23 -1.74 6.28 11.25
N ASP D 24 -2.05 5.12 11.79
CA ASP D 24 -2.30 3.96 10.93
C ASP D 24 -3.55 4.20 10.08
N VAL D 25 -3.52 3.70 8.88
CA VAL D 25 -4.70 3.64 7.99
C VAL D 25 -5.02 2.14 7.85
N ILE D 26 -6.30 1.77 8.02
CA ILE D 26 -6.70 0.37 7.90
C ILE D 26 -7.88 0.20 6.92
N THR D 27 -7.98 -1.02 6.38
CA THR D 27 -9.08 -1.41 5.59
C THR D 27 -9.62 -2.71 6.16
N ILE D 28 -10.96 -2.78 6.29
CA ILE D 28 -11.66 -3.97 6.75
C ILE D 28 -12.71 -4.35 5.70
N VAL D 29 -12.82 -5.65 5.38
CA VAL D 29 -13.92 -6.17 4.54
C VAL D 29 -14.51 -7.33 5.31
N ALA D 30 -15.84 -7.31 5.48
CA ALA D 30 -16.56 -8.32 6.26
C ALA D 30 -17.63 -8.97 5.39
N ALA D 31 -17.81 -10.29 5.52
CA ALA D 31 -18.83 -11.01 4.77
C ALA D 31 -19.49 -12.07 5.65
N GLY D 32 -20.63 -12.57 5.19
CA GLY D 32 -21.25 -13.72 5.82
C GLY D 32 -22.61 -13.44 6.40
N TRP D 33 -23.11 -14.39 7.17
CA TRP D 33 -24.51 -14.44 7.57
C TRP D 33 -24.62 -14.88 9.04
N ALA D 34 -25.38 -14.11 9.82
CA ALA D 34 -25.54 -14.33 11.24
C ALA D 34 -26.86 -13.86 11.77
N SER D 35 -27.19 -14.35 12.96
CA SER D 35 -28.43 -14.00 13.64
C SER D 35 -28.26 -13.75 15.09
N TYR D 36 -29.08 -12.86 15.61
CA TYR D 36 -29.18 -12.52 17.01
C TYR D 36 -30.26 -13.36 17.74
N GLY D 37 -30.84 -14.36 17.05
CA GLY D 37 -31.87 -15.18 17.66
C GLY D 37 -32.81 -15.79 16.67
N PRO D 38 -33.39 -14.99 15.79
CA PRO D 38 -34.31 -15.56 14.84
C PRO D 38 -33.71 -16.57 13.90
N THR D 39 -34.57 -17.33 13.25
CA THR D 39 -34.07 -18.35 12.32
C THR D 39 -33.48 -17.73 11.02
N GLN D 40 -34.01 -16.57 10.63
N GLN D 40 -33.95 -16.55 10.64
CA GLN D 40 -33.46 -15.77 9.55
CA GLN D 40 -33.45 -15.78 9.54
C GLN D 40 -32.03 -15.34 9.88
C GLN D 40 -32.04 -15.28 9.89
N LYS D 41 -31.20 -15.10 8.89
CA LYS D 41 -29.89 -14.49 9.09
C LYS D 41 -29.74 -13.22 8.27
N TRP D 42 -28.83 -12.34 8.71
CA TRP D 42 -28.53 -11.08 8.08
C TRP D 42 -27.04 -10.90 7.85
N GLY D 43 -26.67 -10.02 6.92
CA GLY D 43 -25.30 -9.68 6.63
C GLY D 43 -24.67 -8.77 7.70
N PRO D 44 -23.45 -8.31 7.47
CA PRO D 44 -22.71 -7.52 8.45
C PRO D 44 -23.25 -6.15 8.79
N GLN D 45 -24.26 -5.64 8.06
CA GLN D 45 -24.99 -4.42 8.47
C GLN D 45 -26.17 -4.74 9.40
N GLY D 46 -26.43 -6.02 9.62
CA GLY D 46 -27.51 -6.43 10.53
C GLY D 46 -28.90 -6.34 9.95
N ASP D 47 -29.87 -6.24 10.87
CA ASP D 47 -31.31 -6.22 10.54
C ASP D 47 -31.82 -4.80 10.69
N ARG D 48 -32.09 -4.13 9.61
CA ARG D 48 -32.54 -2.76 9.66
C ARG D 48 -33.90 -2.55 10.30
N GLU D 49 -34.69 -3.63 10.45
CA GLU D 49 -36.03 -3.52 10.99
C GLU D 49 -36.11 -3.73 12.48
N HIS D 50 -35.05 -4.21 13.13
CA HIS D 50 -35.16 -4.59 14.52
C HIS D 50 -34.88 -3.41 15.45
N PRO D 51 -35.83 -3.07 16.34
CA PRO D 51 -35.60 -2.00 17.29
C PRO D 51 -34.37 -2.25 18.19
N ASP D 52 -33.76 -1.17 18.61
CA ASP D 52 -32.64 -1.22 19.57
C ASP D 52 -33.18 -1.38 20.99
N GLN D 53 -32.93 -2.55 21.58
N GLN D 53 -32.91 -2.56 21.59
CA GLN D 53 -33.41 -2.85 22.92
CA GLN D 53 -33.42 -2.98 22.89
C GLN D 53 -32.28 -2.84 23.96
C GLN D 53 -32.27 -2.88 23.95
N GLY D 54 -31.24 -2.05 23.72
CA GLY D 54 -30.04 -2.05 24.57
C GLY D 54 -28.76 -2.60 23.92
N LEU D 55 -28.57 -2.33 22.63
CA LEU D 55 -27.42 -2.87 21.92
C LEU D 55 -26.12 -2.32 22.44
N ILE D 56 -25.05 -3.13 22.34
CA ILE D 56 -23.68 -2.65 22.68
C ILE D 56 -23.25 -1.49 21.81
N CYS D 57 -23.82 -1.37 20.61
CA CYS D 57 -23.53 -0.20 19.76
C CYS D 57 -24.83 0.39 19.25
N HIS D 58 -25.15 1.59 19.77
CA HIS D 58 -26.37 2.28 19.32
C HIS D 58 -26.32 2.87 17.93
N ASP D 59 -25.10 2.95 17.37
CA ASP D 59 -24.82 3.55 16.09
C ASP D 59 -24.86 2.56 14.91
N ALA D 60 -25.25 1.30 15.16
CA ALA D 60 -25.44 0.30 14.13
C ALA D 60 -26.65 -0.56 14.45
N PHE D 61 -27.22 -1.18 13.42
CA PHE D 61 -28.36 -2.05 13.63
C PHE D 61 -27.98 -3.30 14.43
N CYS D 62 -29.00 -3.87 15.05
CA CYS D 62 -28.90 -5.17 15.65
C CYS D 62 -28.36 -6.17 14.65
N GLY D 63 -27.34 -6.93 15.07
CA GLY D 63 -26.69 -7.90 14.19
C GLY D 63 -25.65 -7.41 13.23
N ALA D 64 -25.29 -6.14 13.34
CA ALA D 64 -24.15 -5.59 12.59
C ALA D 64 -22.82 -5.99 13.24
N LEU D 65 -21.78 -5.96 12.43
CA LEU D 65 -20.42 -6.08 12.97
C LEU D 65 -19.95 -4.74 13.51
N VAL D 66 -19.40 -4.74 14.72
CA VAL D 66 -18.83 -3.54 15.32
C VAL D 66 -17.45 -3.89 15.86
N MET D 67 -16.75 -2.88 16.38
CA MET D 67 -15.46 -3.13 16.97
C MET D 67 -15.17 -2.24 18.16
N LYS D 68 -14.15 -2.64 18.91
CA LYS D 68 -13.52 -1.77 19.88
C LYS D 68 -12.05 -1.68 19.54
N ILE D 69 -11.48 -0.49 19.65
CA ILE D 69 -10.05 -0.34 19.45
C ILE D 69 -9.47 0.00 20.81
N GLY D 70 -8.67 -0.91 21.38
CA GLY D 70 -8.17 -0.70 22.73
C GLY D 70 -9.34 -0.62 23.68
N ASN D 71 -9.34 0.40 24.50
CA ASN D 71 -10.41 0.66 25.47
C ASN D 71 -11.54 1.57 24.90
N SER D 72 -11.69 1.67 23.58
CA SER D 72 -12.66 2.61 23.04
C SER D 72 -14.11 2.10 23.30
N GLY D 73 -15.05 3.00 23.07
CA GLY D 73 -16.44 2.60 22.90
C GLY D 73 -16.60 1.83 21.59
N THR D 74 -17.75 1.20 21.40
CA THR D 74 -18.00 0.48 20.15
C THR D 74 -18.05 1.44 18.94
N ILE D 75 -17.46 0.97 17.85
CA ILE D 75 -17.42 1.70 16.62
C ILE D 75 -18.04 0.79 15.53
N PRO D 76 -18.96 1.31 14.72
CA PRO D 76 -19.53 0.42 13.69
C PRO D 76 -18.50 0.02 12.62
N VAL D 77 -18.58 -1.22 12.17
CA VAL D 77 -17.77 -1.72 11.06
C VAL D 77 -18.67 -2.05 9.89
N ASN D 78 -19.81 -2.69 10.14
CA ASN D 78 -20.78 -3.05 9.06
C ASN D 78 -20.04 -3.89 8.01
N THR D 79 -20.15 -3.57 6.72
CA THR D 79 -19.47 -4.36 5.70
C THR D 79 -17.98 -4.12 5.63
N GLY D 80 -17.51 -3.07 6.30
CA GLY D 80 -16.09 -2.77 6.34
C GLY D 80 -15.80 -1.27 6.29
N LEU D 81 -14.52 -0.97 6.27
CA LEU D 81 -14.03 0.41 6.34
C LEU D 81 -12.91 0.54 5.31
N PHE D 82 -12.91 1.63 4.55
CA PHE D 82 -11.94 1.77 3.46
C PHE D 82 -10.93 2.84 3.79
N ARG D 83 -9.68 2.44 3.90
CA ARG D 83 -8.55 3.40 4.13
C ARG D 83 -8.91 4.38 5.24
N TRP D 84 -9.23 3.80 6.38
CA TRP D 84 -9.87 4.47 7.50
C TRP D 84 -8.86 4.78 8.56
N VAL D 85 -8.99 6.00 9.08
CA VAL D 85 -8.15 6.49 10.18
C VAL D 85 -9.09 6.68 11.40
N ALA D 86 -8.61 6.22 12.56
CA ALA D 86 -9.38 6.28 13.79
C ALA D 86 -9.44 7.72 14.36
N PRO D 87 -10.39 7.98 15.22
CA PRO D 87 -10.44 9.29 15.89
C PRO D 87 -9.22 9.57 16.74
N ASN D 88 -8.89 10.83 16.95
CA ASN D 88 -7.77 11.17 17.81
C ASN D 88 -7.88 10.43 19.15
N ASN D 89 -6.74 9.96 19.62
CA ASN D 89 -6.57 9.27 20.88
C ASN D 89 -7.13 7.84 20.96
N VAL D 90 -7.58 7.26 19.86
CA VAL D 90 -8.02 5.86 19.87
C VAL D 90 -6.90 4.99 19.34
N GLN D 91 -6.53 3.96 20.09
CA GLN D 91 -5.49 3.09 19.69
C GLN D 91 -5.57 1.82 20.51
N GLY D 92 -4.89 0.79 20.02
CA GLY D 92 -4.76 -0.51 20.69
C GLY D 92 -5.31 -1.65 19.85
N ALA D 93 -5.45 -2.81 20.49
CA ALA D 93 -5.85 -4.02 19.81
C ALA D 93 -7.29 -3.88 19.29
N ILE D 94 -7.53 -4.37 18.09
CA ILE D 94 -8.88 -4.32 17.48
C ILE D 94 -9.60 -5.60 17.85
N THR D 95 -10.75 -5.45 18.52
CA THR D 95 -11.64 -6.57 18.86
C THR D 95 -12.89 -6.39 18.02
N LEU D 96 -13.30 -7.45 17.34
CA LEU D 96 -14.48 -7.45 16.53
C LEU D 96 -15.62 -8.11 17.29
N ILE D 97 -16.83 -7.54 17.23
CA ILE D 97 -17.95 -8.01 18.07
C ILE D 97 -19.24 -7.92 17.28
N TYR D 98 -20.08 -8.94 17.43
CA TYR D 98 -21.44 -8.94 16.92
C TYR D 98 -22.30 -8.02 17.76
N ASN D 99 -23.10 -7.17 17.11
CA ASN D 99 -23.95 -6.20 17.85
C ASN D 99 -25.23 -6.83 18.40
N ASP D 100 -25.30 -7.06 19.70
CA ASP D 100 -26.51 -7.56 20.34
C ASP D 100 -26.61 -6.93 21.73
N VAL D 101 -27.67 -7.23 22.45
CA VAL D 101 -27.86 -6.76 23.84
C VAL D 101 -27.03 -7.59 24.82
N PRO D 102 -26.34 -6.94 25.76
CA PRO D 102 -25.54 -7.67 26.72
C PRO D 102 -26.36 -8.77 27.42
N GLY D 103 -25.76 -9.94 27.58
CA GLY D 103 -26.42 -11.06 28.22
C GLY D 103 -27.31 -11.89 27.33
N THR D 104 -27.46 -11.51 26.04
CA THR D 104 -28.40 -12.18 25.17
C THR D 104 -27.77 -12.92 23.99
N TYR D 105 -26.47 -13.19 24.09
CA TYR D 105 -25.71 -13.77 22.99
C TYR D 105 -25.93 -15.29 22.86
N GLY D 106 -26.49 -15.94 23.88
CA GLY D 106 -26.57 -17.39 23.87
C GLY D 106 -27.39 -18.04 22.79
N ASN D 107 -28.36 -17.32 22.24
CA ASN D 107 -29.19 -17.88 21.13
C ASN D 107 -28.75 -17.40 19.76
N ASN D 108 -27.57 -16.78 19.69
CA ASN D 108 -27.09 -16.25 18.37
C ASN D 108 -26.50 -17.34 17.52
N SER D 109 -26.41 -17.14 16.21
CA SER D 109 -25.85 -18.16 15.34
C SER D 109 -25.16 -17.53 14.18
N GLY D 110 -24.32 -18.31 13.54
CA GLY D 110 -23.58 -17.82 12.36
C GLY D 110 -22.38 -17.00 12.76
N SER D 111 -21.78 -16.40 11.75
CA SER D 111 -20.51 -15.70 11.91
C SER D 111 -20.22 -14.84 10.67
N PHE D 112 -19.30 -13.88 10.84
CA PHE D 112 -18.78 -13.13 9.75
C PHE D 112 -17.33 -13.47 9.51
N SER D 113 -16.94 -13.59 8.24
CA SER D 113 -15.54 -13.74 7.84
C SER D 113 -14.98 -12.36 7.55
N VAL D 114 -13.85 -12.02 8.18
CA VAL D 114 -13.35 -10.65 8.12
C VAL D 114 -11.85 -10.67 7.74
N ASN D 115 -11.46 -9.71 6.91
CA ASN D 115 -10.04 -9.40 6.65
C ASN D 115 -9.80 -8.00 7.16
N ILE D 116 -8.64 -7.78 7.82
CA ILE D 116 -8.18 -6.44 8.18
C ILE D 116 -6.72 -6.35 7.70
N GLY D 117 -6.42 -5.26 7.03
CA GLY D 117 -5.04 -4.93 6.68
C GLY D 117 -4.68 -3.51 7.01
N LYS D 118 -3.39 -3.26 7.21
CA LYS D 118 -2.93 -1.86 7.30
C LYS D 118 -2.56 -1.40 5.90
N ASP D 119 -2.95 -0.17 5.59
CA ASP D 119 -2.64 0.49 4.35
C ASP D 119 -1.39 1.32 4.47
N GLN D 120 -0.89 1.79 3.35
CA GLN D 120 0.23 2.73 3.35
C GLN D 120 -0.15 4.00 4.07
N SER D 121 0.85 4.54 4.74
CA SER D 121 0.68 5.85 5.40
C SER D 121 2.00 6.60 5.50
CA CA E . 34.58 14.15 9.68
O2 7NU F . 39.07 14.27 8.20
C2 7NU F . 38.22 13.18 8.48
C3 7NU F . 37.78 13.15 9.95
O3 7NU F . 37.01 14.26 10.24
C1 7NU F . 38.98 11.95 8.16
O5 7NU F . 38.20 10.81 8.39
C5 7NU F . 37.93 10.68 9.75
C6 7NU F . 37.21 9.32 10.01
O6 7NU F . 37.44 8.21 9.20
C7 7NU F . 36.20 8.87 9.10
C4 7NU F . 37.09 11.80 10.25
O4 7NU F . 35.79 11.94 9.66
O1 7NU F . 39.42 11.96 6.80
C8 7NU F . 40.46 11.33 6.33
C9 7NU F . 41.34 10.54 7.11
C10 7NU F . 42.39 9.84 6.48
C11 7NU F . 42.59 9.91 5.11
C12 7NU F . 41.72 10.69 4.33
C13 7NU F . 40.67 11.38 4.97
CA CA G . 32.04 3.87 -20.93
O2 7NU H . 36.24 5.77 -20.94
C2 7NU H . 35.03 6.41 -20.71
C3 7NU H . 34.15 6.09 -21.93
O3 7NU H . 33.95 4.71 -22.12
C1 7NU H . 35.23 7.90 -20.46
O5 7NU H . 33.99 8.55 -20.38
C5 7NU H . 33.23 8.37 -21.53
C6 7NU H . 31.88 9.15 -21.38
O6 7NU H . 31.82 10.38 -20.68
C7 7NU H . 31.25 9.26 -20.05
C4 7NU H . 32.86 6.90 -21.82
O4 7NU H . 32.01 6.34 -20.81
O1 7NU H . 35.96 8.21 -19.25
C8 7NU H . 36.61 9.31 -18.99
C9 7NU H . 36.76 10.38 -19.91
C10 7NU H . 37.44 11.57 -19.58
C11 7NU H . 38.01 11.71 -18.33
C12 7NU H . 37.86 10.66 -17.41
C13 7NU H . 37.20 9.47 -17.74
CA CA I . -36.74 -5.54 -9.95
O2 7NU J . -40.56 -7.56 -8.40
C2 7NU J . -39.36 -8.18 -8.76
C3 7NU J . -38.97 -8.00 -10.26
O3 7NU J . -38.81 -6.66 -10.55
C1 7NU J . -39.36 -9.64 -8.41
O5 7NU J . -38.14 -10.26 -8.61
C5 7NU J . -37.74 -10.17 -9.96
C6 7NU J . -36.41 -10.93 -10.21
O6 7NU J . -36.13 -12.13 -9.44
C7 7NU J . -35.40 -10.92 -9.17
C4 7NU J . -37.66 -8.74 -10.46
O4 7NU J . -36.63 -7.92 -9.87
O1 7NU J . -39.67 -9.78 -7.00
C8 7NU J . -40.11 -10.92 -6.51
C9 7NU J . -40.44 -12.02 -7.30
C10 7NU J . -40.93 -13.19 -6.76
C11 7NU J . -41.11 -13.34 -5.40
C12 7NU J . -40.78 -12.22 -4.60
C13 7NU J . -40.25 -11.06 -5.16
OH2 ETE K . -21.84 -9.93 -21.72
C12 ETE K . -21.51 -9.95 -20.32
C22 ETE K . -22.68 -10.42 -19.48
OH3 ETE K . -23.68 -9.41 -19.54
C13 ETE K . -25.47 -8.25 -18.70
C23 ETE K . -24.65 -9.52 -18.50
OH4 ETE K . -24.74 -7.22 -18.08
C14 ETE K . -24.77 -5.14 -16.90
C24 ETE K . -25.58 -6.23 -17.50
OH5 ETE K . -23.75 -4.71 -17.82
C15 ETE K . -22.45 -2.68 -18.01
C25 ETE K . -23.85 -3.27 -17.97
OH6 ETE K . -21.77 -3.24 -19.13
C26 ETE K . -20.37 -2.81 -19.20
CA CA L . -29.55 -12.83 20.98
O2 7NU M . -34.22 -13.39 21.11
C2 7NU M . -33.42 -12.27 20.86
C3 7NU M . -32.58 -11.91 22.06
O3 7NU M . -31.63 -12.91 22.27
C1 7NU M . -34.32 -11.10 20.42
O5 7NU M . -33.57 -9.94 20.16
C5 7NU M . -32.92 -9.54 21.35
C6 7NU M . -32.29 -8.17 21.23
O6 7NU M . -32.95 -7.26 20.41
C7 7NU M . -31.69 -7.77 19.98
C4 7NU M . -31.91 -10.56 21.90
O4 7NU M . -30.79 -10.76 21.01
O1 7NU M . -35.11 -11.42 19.26
C8 7NU M . -36.32 -10.93 19.02
C9 7NU M . -36.90 -9.91 19.76
C10 7NU M . -38.20 -9.42 19.49
C11 7NU M . -38.91 -9.94 18.45
C12 7NU M . -38.36 -10.98 17.71
C13 7NU M . -37.05 -11.42 17.97
#